data_1SRE
#
_entry.id   1SRE
#
_cell.length_a   95.200
_cell.length_b   106.500
_cell.length_c   47.900
_cell.angle_alpha   90.00
_cell.angle_beta   90.00
_cell.angle_gamma   90.00
#
_symmetry.space_group_name_H-M   'I 2 2 2'
#
loop_
_entity.id
_entity.type
_entity.pdbx_description
1 polymer STREPTAVIDIN
2 non-polymer "2-((4'-HYDROXYPHENYL)-AZO)BENZOIC ACID"
3 water water
#
_entity_poly.entity_id   1
_entity_poly.type   'polypeptide(L)'
_entity_poly.pdbx_seq_one_letter_code
;AEAGITGTWYNQLGSTFIVTAGADGALTGTYESAVGNAESRYVLTGRYDSAPATDGSGTALGWTVAWKNNYRNAHSATTW
SGQYVGGAEARINTQWLLTSGTTEANAWKSTLVGHDTFTKV
;
_entity_poly.pdbx_strand_id   A,B
#
loop_
_chem_comp.id
_chem_comp.type
_chem_comp.name
_chem_comp.formula
HAB non-polymer '2-((4'-HYDROXYPHENYL)-AZO)BENZOIC ACID' 'C13 H10 N2 O3'
#
# COMPACT_ATOMS: atom_id res chain seq x y z
N ALA A 3 16.67 1.40 9.84
CA ALA A 3 18.15 1.55 9.74
C ALA A 3 18.41 2.81 8.88
N GLY A 4 18.57 2.54 7.60
CA GLY A 4 18.79 3.63 6.62
C GLY A 4 17.40 4.27 6.37
N ILE A 5 16.40 3.41 6.44
CA ILE A 5 15.00 3.87 6.20
C ILE A 5 14.44 4.72 7.30
N THR A 6 14.63 4.37 8.55
CA THR A 6 14.11 5.12 9.70
C THR A 6 14.53 6.59 9.67
N GLY A 7 13.58 7.46 9.84
CA GLY A 7 13.85 8.92 9.84
C GLY A 7 12.66 9.76 9.34
N THR A 8 12.99 11.01 9.03
CA THR A 8 12.02 12.01 8.50
C THR A 8 12.41 12.26 7.05
N TRP A 9 11.44 12.27 6.15
CA TRP A 9 11.66 12.47 4.73
C TRP A 9 10.64 13.51 4.19
N TYR A 10 11.04 14.07 3.04
CA TYR A 10 10.11 15.08 2.43
C TYR A 10 10.05 14.84 0.93
N ASN A 11 8.91 15.23 0.34
CA ASN A 11 8.77 15.06 -1.12
C ASN A 11 8.69 16.47 -1.73
N GLN A 12 8.63 16.48 -3.02
CA GLN A 12 8.57 17.69 -3.86
C GLN A 12 7.38 18.57 -3.57
N LEU A 13 6.31 18.00 -3.02
CA LEU A 13 5.11 18.78 -2.70
C LEU A 13 5.20 19.50 -1.35
N GLY A 14 6.13 19.10 -0.55
CA GLY A 14 6.33 19.67 0.80
C GLY A 14 5.74 18.78 1.87
N SER A 15 5.27 17.59 1.53
CA SER A 15 4.71 16.65 2.53
C SER A 15 5.84 16.05 3.38
N THR A 16 5.47 15.55 4.54
CA THR A 16 6.38 14.94 5.51
C THR A 16 5.98 13.48 5.82
N PHE A 17 6.99 12.63 5.84
CA PHE A 17 6.80 11.19 6.15
C PHE A 17 7.81 10.87 7.26
N ILE A 18 7.29 10.45 8.38
CA ILE A 18 8.17 10.04 9.53
C ILE A 18 7.97 8.51 9.64
N VAL A 19 9.06 7.75 9.62
CA VAL A 19 8.90 6.27 9.64
C VAL A 19 9.98 5.57 10.44
N THR A 20 9.58 4.40 10.96
CA THR A 20 10.47 3.53 11.72
C THR A 20 10.41 2.14 11.04
N ALA A 21 11.57 1.60 10.73
CA ALA A 21 11.67 0.27 10.11
C ALA A 21 12.01 -0.76 11.20
N GLY A 22 11.15 -1.75 11.30
CA GLY A 22 11.29 -2.84 12.28
C GLY A 22 12.17 -3.96 11.75
N ALA A 23 12.77 -4.70 12.71
CA ALA A 23 13.66 -5.81 12.33
C ALA A 23 12.92 -6.88 11.55
N ASP A 24 11.62 -6.96 11.79
CA ASP A 24 10.76 -7.93 11.13
C ASP A 24 10.19 -7.47 9.78
N GLY A 25 10.67 -6.38 9.24
CA GLY A 25 10.21 -5.84 7.96
C GLY A 25 8.99 -4.96 8.00
N ALA A 26 8.55 -4.56 9.18
CA ALA A 26 7.37 -3.66 9.28
C ALA A 26 7.80 -2.21 9.16
N LEU A 27 6.88 -1.38 8.67
CA LEU A 27 7.07 0.08 8.57
C LEU A 27 5.88 0.71 9.34
N THR A 28 6.19 1.64 10.21
CA THR A 28 5.14 2.34 11.00
C THR A 28 5.52 3.81 11.10
N GLY A 29 4.54 4.68 11.10
CA GLY A 29 4.86 6.14 11.23
C GLY A 29 3.61 6.97 11.01
N THR A 30 3.90 8.20 10.61
CA THR A 30 2.83 9.20 10.34
C THR A 30 3.17 9.96 9.06
N TYR A 31 2.10 10.47 8.45
CA TYR A 31 2.25 11.21 7.19
C TYR A 31 1.49 12.55 7.31
N GLU A 32 2.17 13.59 6.84
CA GLU A 32 1.55 14.95 6.84
C GLU A 32 1.60 15.49 5.42
N SER A 33 0.41 15.67 4.84
CA SER A 33 0.22 16.09 3.47
C SER A 33 0.01 17.57 3.24
N ALA A 34 0.63 18.04 2.18
CA ALA A 34 0.58 19.43 1.73
C ALA A 34 -0.55 19.69 0.74
N VAL A 35 -1.06 18.63 0.14
CA VAL A 35 -2.12 18.72 -0.87
C VAL A 35 -3.39 17.95 -0.45
N GLY A 36 -4.45 18.22 -1.27
CA GLY A 36 -5.74 17.60 -1.10
C GLY A 36 -6.53 18.04 0.11
N ASN A 37 -7.56 17.21 0.33
CA ASN A 37 -8.46 17.47 1.46
C ASN A 37 -7.82 16.84 2.69
N ALA A 38 -6.75 17.38 3.25
CA ALA A 38 -6.13 16.80 4.44
C ALA A 38 -5.67 17.82 5.50
N GLU A 39 -5.61 17.39 6.69
CA GLU A 39 -5.15 18.24 7.80
C GLU A 39 -4.63 17.38 8.97
N SER A 40 -3.55 17.88 9.56
CA SER A 40 -2.88 17.21 10.68
C SER A 40 -2.26 15.90 10.17
N ARG A 41 -1.85 15.06 11.09
CA ARG A 41 -1.21 13.79 10.78
C ARG A 41 -2.16 12.64 10.54
N TYR A 42 -1.63 11.70 9.75
CA TYR A 42 -2.33 10.45 9.42
C TYR A 42 -1.38 9.24 9.66
N VAL A 43 -2.00 8.16 10.08
CA VAL A 43 -1.23 6.90 10.33
C VAL A 43 -0.83 6.24 9.01
N LEU A 44 0.39 5.68 9.03
CA LEU A 44 0.86 4.90 7.87
C LEU A 44 1.35 3.54 8.40
N THR A 45 1.23 2.57 7.48
CA THR A 45 1.68 1.21 7.77
C THR A 45 2.24 0.64 6.45
N GLY A 46 3.28 -0.16 6.55
CA GLY A 46 3.89 -0.75 5.32
C GLY A 46 4.84 -1.88 5.65
N ARG A 47 5.52 -2.31 4.59
CA ARG A 47 6.51 -3.44 4.73
C ARG A 47 7.71 -3.10 3.85
N TYR A 48 8.85 -3.72 4.13
CA TYR A 48 10.07 -3.49 3.31
C TYR A 48 10.89 -4.78 3.31
N ASP A 49 11.80 -4.90 2.35
CA ASP A 49 12.67 -6.12 2.29
C ASP A 49 13.78 -5.94 3.35
N SER A 50 13.71 -6.76 4.39
CA SER A 50 14.65 -6.67 5.51
C SER A 50 15.98 -7.35 5.28
N ALA A 51 16.17 -7.95 4.14
CA ALA A 51 17.43 -8.61 3.76
C ALA A 51 17.66 -8.41 2.28
N PRO A 52 17.89 -7.15 1.91
CA PRO A 52 18.12 -6.79 0.50
C PRO A 52 19.40 -7.39 -0.02
N ALA A 53 19.59 -7.30 -1.34
CA ALA A 53 20.81 -7.86 -1.96
C ALA A 53 21.92 -6.82 -2.10
N SER A 57 21.81 -3.10 -5.60
CA SER A 57 20.42 -2.71 -5.92
C SER A 57 19.74 -2.06 -4.72
N GLY A 58 18.58 -1.44 -5.03
CA GLY A 58 17.78 -0.74 -4.00
C GLY A 58 16.94 -1.72 -3.19
N THR A 59 16.31 -1.20 -2.17
CA THR A 59 15.46 -1.93 -1.24
C THR A 59 13.98 -1.64 -1.50
N ALA A 60 13.29 -2.68 -1.87
CA ALA A 60 11.86 -2.64 -2.18
C ALA A 60 11.04 -2.36 -0.93
N LEU A 61 9.98 -1.57 -1.12
CA LEU A 61 9.10 -1.24 0.03
C LEU A 61 7.78 -0.65 -0.47
N GLY A 62 6.84 -0.56 0.44
CA GLY A 62 5.51 0.07 0.05
C GLY A 62 4.82 0.45 1.36
N TRP A 63 3.89 1.40 1.26
CA TRP A 63 3.14 1.80 2.48
C TRP A 63 1.80 2.42 1.99
N THR A 64 0.87 2.40 2.92
CA THR A 64 -0.49 2.96 2.67
C THR A 64 -0.82 4.01 3.75
N VAL A 65 -1.68 4.93 3.38
CA VAL A 65 -2.29 5.95 4.20
C VAL A 65 -3.79 6.02 3.80
N ALA A 66 -4.66 5.90 4.77
CA ALA A 66 -6.13 6.13 4.50
C ALA A 66 -6.31 7.57 5.08
N TRP A 67 -6.81 8.45 4.27
CA TRP A 67 -6.97 9.86 4.58
C TRP A 67 -8.09 10.17 5.56
N LYS A 68 -8.00 9.52 6.69
CA LYS A 68 -8.96 9.73 7.79
C LYS A 68 -8.15 9.85 9.10
N ASN A 69 -8.52 10.86 9.86
CA ASN A 69 -7.91 11.09 11.19
C ASN A 69 -9.06 11.64 12.07
N ASN A 70 -8.71 12.17 13.23
CA ASN A 70 -9.80 12.68 14.11
C ASN A 70 -10.37 14.00 13.66
N TYR A 71 -9.83 14.64 12.65
CA TYR A 71 -10.30 15.95 12.17
C TYR A 71 -10.93 15.98 10.80
N ARG A 72 -10.53 15.12 9.90
CA ARG A 72 -11.10 15.12 8.52
C ARG A 72 -11.17 13.69 7.98
N ASN A 73 -12.00 13.54 6.96
CA ASN A 73 -12.14 12.23 6.28
C ASN A 73 -12.38 12.58 4.79
N ALA A 74 -11.45 12.12 3.97
CA ALA A 74 -11.58 12.39 2.52
C ALA A 74 -12.14 11.18 1.78
N HIS A 75 -12.39 10.10 2.49
CA HIS A 75 -12.94 8.86 1.89
C HIS A 75 -12.06 8.39 0.74
N SER A 76 -10.76 8.31 1.03
CA SER A 76 -9.77 7.88 -0.01
C SER A 76 -8.52 7.29 0.65
N ALA A 77 -7.68 6.61 -0.15
CA ALA A 77 -6.44 6.04 0.35
C ALA A 77 -5.38 6.04 -0.75
N THR A 78 -4.15 6.26 -0.35
CA THR A 78 -3.00 6.27 -1.25
C THR A 78 -2.06 5.12 -0.84
N THR A 79 -1.47 4.49 -1.87
CA THR A 79 -0.47 3.46 -1.71
C THR A 79 0.78 3.86 -2.51
N TRP A 80 1.91 3.85 -1.86
CA TRP A 80 3.20 4.19 -2.49
C TRP A 80 4.04 2.88 -2.62
N SER A 81 4.53 2.66 -3.82
CA SER A 81 5.37 1.44 -4.07
C SER A 81 6.69 1.94 -4.66
N GLY A 82 7.83 1.49 -4.06
CA GLY A 82 9.10 2.01 -4.64
C GLY A 82 10.30 1.29 -4.02
N GLN A 83 11.42 1.99 -4.11
CA GLN A 83 12.69 1.44 -3.58
C GLN A 83 13.51 2.52 -2.90
N TYR A 84 14.21 2.08 -1.87
CA TYR A 84 15.11 2.89 -1.06
C TYR A 84 16.52 2.76 -1.66
N VAL A 85 17.14 3.89 -1.87
CA VAL A 85 18.51 3.93 -2.43
C VAL A 85 19.35 4.71 -1.39
N GLY A 86 20.30 4.01 -0.82
CA GLY A 86 21.18 4.57 0.23
C GLY A 86 22.33 5.37 -0.38
N GLY A 87 23.22 5.75 0.52
CA GLY A 87 24.43 6.53 0.19
C GLY A 87 24.46 7.84 0.97
N ALA A 88 25.27 8.75 0.45
CA ALA A 88 25.44 10.09 1.06
C ALA A 88 24.04 10.69 1.22
N GLU A 89 23.38 10.79 0.06
CA GLU A 89 22.02 11.31 0.06
C GLU A 89 21.02 10.21 -0.31
N ALA A 90 20.38 9.77 0.76
CA ALA A 90 19.38 8.69 0.69
C ALA A 90 18.14 9.22 -0.04
N ARG A 91 17.48 8.31 -0.73
CA ARG A 91 16.24 8.67 -1.45
C ARG A 91 15.33 7.46 -1.60
N ILE A 92 14.05 7.80 -1.65
CA ILE A 92 12.99 6.81 -1.83
C ILE A 92 12.26 7.28 -3.13
N ASN A 93 12.36 6.45 -4.14
CA ASN A 93 11.74 6.74 -5.44
C ASN A 93 10.42 5.96 -5.45
N THR A 94 9.31 6.62 -5.75
CA THR A 94 8.04 5.88 -5.74
C THR A 94 7.07 6.27 -6.87
N GLN A 95 6.09 5.39 -6.98
CA GLN A 95 4.92 5.59 -7.89
C GLN A 95 3.74 5.35 -6.94
N TRP A 96 2.66 6.12 -7.11
CA TRP A 96 1.55 5.94 -6.16
C TRP A 96 0.22 5.82 -6.90
N LEU A 97 -0.72 5.24 -6.14
CA LEU A 97 -2.12 5.10 -6.59
C LEU A 97 -3.01 5.71 -5.49
N LEU A 98 -3.88 6.62 -5.89
CA LEU A 98 -4.79 7.24 -4.88
C LEU A 98 -6.21 6.83 -5.31
N THR A 99 -6.90 6.05 -4.52
CA THR A 99 -8.26 5.64 -4.88
C THR A 99 -9.29 6.29 -3.92
N SER A 100 -10.33 6.83 -4.52
CA SER A 100 -11.44 7.47 -3.81
C SER A 100 -12.64 6.54 -3.80
N GLY A 101 -13.39 6.62 -2.69
CA GLY A 101 -14.62 5.77 -2.58
C GLY A 101 -15.63 6.41 -3.56
N THR A 102 -16.21 5.59 -4.40
CA THR A 102 -17.18 6.16 -5.38
C THR A 102 -18.40 5.27 -5.55
N THR A 103 -19.36 5.84 -6.32
CA THR A 103 -20.58 5.02 -6.61
C THR A 103 -20.15 4.13 -7.78
N GLU A 104 -20.92 3.14 -8.11
CA GLU A 104 -20.67 2.20 -9.19
C GLU A 104 -20.48 2.92 -10.54
N ALA A 105 -21.35 3.87 -10.82
CA ALA A 105 -21.34 4.64 -12.04
C ALA A 105 -20.06 5.44 -12.26
N ASN A 106 -19.44 5.90 -11.21
CA ASN A 106 -18.21 6.70 -11.28
C ASN A 106 -16.93 5.92 -11.00
N ALA A 107 -16.96 4.63 -10.84
CA ALA A 107 -15.81 3.79 -10.53
C ALA A 107 -14.68 3.86 -11.52
N TRP A 108 -15.00 4.16 -12.78
CA TRP A 108 -13.99 4.26 -13.85
C TRP A 108 -13.01 5.38 -13.59
N LYS A 109 -13.40 6.40 -12.85
CA LYS A 109 -12.57 7.56 -12.55
C LYS A 109 -12.18 7.64 -11.09
N SER A 110 -12.09 6.46 -10.46
CA SER A 110 -11.77 6.39 -9.02
C SER A 110 -10.31 6.48 -8.67
N THR A 111 -9.44 6.12 -9.61
CA THR A 111 -7.99 6.10 -9.27
C THR A 111 -7.06 6.99 -10.04
N LEU A 112 -6.25 7.77 -9.33
CA LEU A 112 -5.24 8.67 -9.85
C LEU A 112 -3.85 7.95 -9.70
N VAL A 113 -2.96 8.30 -10.57
CA VAL A 113 -1.58 7.71 -10.53
C VAL A 113 -0.59 8.85 -10.61
N GLY A 114 0.52 8.74 -9.91
CA GLY A 114 1.57 9.73 -9.89
C GLY A 114 2.90 9.12 -9.43
N HIS A 115 3.83 10.00 -9.23
CA HIS A 115 5.21 9.61 -8.78
C HIS A 115 5.73 10.68 -7.84
N ASP A 116 6.42 10.27 -6.77
CA ASP A 116 7.00 11.15 -5.77
C ASP A 116 8.44 10.62 -5.42
N THR A 117 9.28 11.58 -5.14
CA THR A 117 10.68 11.27 -4.73
C THR A 117 10.83 11.87 -3.32
N PHE A 118 11.33 11.08 -2.40
CA PHE A 118 11.52 11.55 -1.01
C PHE A 118 13.01 11.72 -0.70
N THR A 119 13.32 12.80 -0.01
CA THR A 119 14.72 13.10 0.41
C THR A 119 14.78 13.02 1.93
N LYS A 120 15.82 12.36 2.45
CA LYS A 120 15.96 12.21 3.91
C LYS A 120 16.56 13.44 4.58
N VAL A 121 16.01 13.82 5.71
CA VAL A 121 16.50 15.00 6.44
C VAL A 121 17.63 14.51 7.41
N ALA B 3 -16.03 -6.31 9.61
CA ALA B 3 -17.03 -7.41 9.43
C ALA B 3 -17.13 -7.71 7.93
N GLY B 4 -17.49 -6.67 7.18
CA GLY B 4 -17.62 -6.80 5.73
C GLY B 4 -16.26 -7.20 5.13
N ILE B 5 -15.26 -6.41 5.46
CA ILE B 5 -13.90 -6.68 4.89
C ILE B 5 -13.24 -7.91 5.49
N THR B 6 -13.33 -8.04 6.81
CA THR B 6 -12.71 -9.18 7.51
C THR B 6 -13.13 -10.51 6.87
N GLY B 7 -12.16 -11.34 6.54
CA GLY B 7 -12.51 -12.65 5.92
C GLY B 7 -11.36 -13.15 5.04
N THR B 8 -11.72 -14.17 4.28
CA THR B 8 -10.79 -14.81 3.33
C THR B 8 -11.26 -14.48 1.91
N TRP B 9 -10.38 -13.95 1.10
CA TRP B 9 -10.70 -13.57 -0.28
C TRP B 9 -9.74 -14.23 -1.27
N TYR B 10 -10.20 -14.28 -2.54
CA TYR B 10 -9.40 -14.87 -3.62
C TYR B 10 -9.44 -14.01 -4.88
N ASN B 11 -8.29 -13.88 -5.55
CA ASN B 11 -8.28 -13.08 -6.80
C ASN B 11 -8.49 -14.04 -7.97
N GLN B 12 -8.34 -13.50 -9.18
CA GLN B 12 -8.51 -14.26 -10.41
C GLN B 12 -7.43 -15.29 -10.65
N LEU B 13 -6.25 -15.07 -10.11
CA LEU B 13 -5.11 -15.97 -10.25
C LEU B 13 -5.20 -17.13 -9.25
N GLY B 14 -6.06 -17.00 -8.27
CA GLY B 14 -6.21 -18.05 -7.22
C GLY B 14 -5.41 -17.75 -5.98
N SER B 15 -4.87 -16.55 -5.89
CA SER B 15 -4.09 -16.12 -4.68
C SER B 15 -5.11 -15.97 -3.53
N THR B 16 -4.67 -16.21 -2.31
CA THR B 16 -5.53 -16.10 -1.12
C THR B 16 -5.12 -14.93 -0.23
N PHE B 17 -6.09 -14.16 0.15
CA PHE B 17 -5.94 -12.93 0.98
C PHE B 17 -6.78 -13.12 2.25
N ILE B 18 -6.12 -13.30 3.37
CA ILE B 18 -6.81 -13.48 4.68
C ILE B 18 -6.57 -12.22 5.51
N VAL B 19 -7.65 -11.48 5.77
CA VAL B 19 -7.51 -10.20 6.48
C VAL B 19 -8.48 -9.96 7.61
N THR B 20 -8.03 -9.11 8.52
CA THR B 20 -8.78 -8.64 9.68
C THR B 20 -8.79 -7.10 9.63
N ALA B 21 -9.98 -6.53 9.67
CA ALA B 21 -10.13 -5.07 9.64
C ALA B 21 -10.46 -4.61 11.05
N GLY B 22 -9.57 -3.81 11.60
CA GLY B 22 -9.73 -3.25 12.96
C GLY B 22 -10.69 -2.07 12.89
N ALA B 23 -11.33 -1.83 14.03
CA ALA B 23 -12.35 -0.78 14.17
C ALA B 23 -11.79 0.60 13.83
N ASP B 24 -10.54 0.77 14.08
CA ASP B 24 -9.68 1.92 13.94
C ASP B 24 -9.10 2.23 12.57
N GLY B 25 -9.28 1.35 11.59
CA GLY B 25 -8.73 1.59 10.26
C GLY B 25 -7.60 0.66 9.88
N ALA B 26 -7.18 -0.25 10.77
CA ALA B 26 -6.07 -1.15 10.37
C ALA B 26 -6.50 -2.38 9.63
N LEU B 27 -5.63 -2.83 8.69
CA LEU B 27 -5.74 -4.06 7.96
C LEU B 27 -4.49 -4.89 8.34
N THR B 28 -4.72 -6.13 8.66
CA THR B 28 -3.58 -7.02 9.02
C THR B 28 -3.96 -8.41 8.55
N GLY B 29 -2.96 -9.19 8.10
CA GLY B 29 -3.26 -10.55 7.64
C GLY B 29 -2.09 -11.22 6.95
N THR B 30 -2.46 -12.21 6.13
CA THR B 30 -1.49 -12.98 5.34
C THR B 30 -1.96 -13.12 3.90
N TYR B 31 -0.98 -13.26 3.02
CA TYR B 31 -1.24 -13.41 1.57
C TYR B 31 -0.43 -14.60 1.03
N GLU B 32 -1.08 -15.41 0.21
CA GLU B 32 -0.43 -16.56 -0.45
C GLU B 32 -0.66 -16.40 -1.96
N SER B 33 0.42 -16.29 -2.68
CA SER B 33 0.44 -16.07 -4.13
C SER B 33 0.47 -17.36 -4.95
N ALA B 34 -0.27 -17.34 -6.03
CA ALA B 34 -0.37 -18.48 -6.95
C ALA B 34 0.65 -18.42 -8.07
N VAL B 35 1.17 -17.25 -8.34
CA VAL B 35 2.19 -17.02 -9.40
C VAL B 35 3.36 -16.20 -8.85
N GLY B 36 4.40 -16.21 -9.66
CA GLY B 36 5.62 -15.45 -9.29
C GLY B 36 6.57 -16.30 -8.45
N ASN B 37 7.65 -15.66 -8.08
CA ASN B 37 8.75 -16.22 -7.25
C ASN B 37 8.31 -16.22 -5.80
N ALA B 38 7.31 -17.02 -5.45
CA ALA B 38 6.79 -17.09 -4.07
C ALA B 38 6.37 -18.51 -3.68
N GLU B 39 6.55 -18.73 -2.37
CA GLU B 39 6.17 -20.01 -1.76
C GLU B 39 5.78 -19.72 -0.29
N SER B 40 4.62 -20.21 0.08
CA SER B 40 4.06 -20.06 1.41
C SER B 40 3.33 -18.73 1.57
N ARG B 41 3.11 -18.39 2.83
CA ARG B 41 2.40 -17.18 3.24
C ARG B 41 3.32 -16.01 3.51
N TYR B 42 2.76 -14.82 3.26
CA TYR B 42 3.54 -13.57 3.48
C TYR B 42 2.67 -12.63 4.33
N VAL B 43 3.35 -11.85 5.13
CA VAL B 43 2.65 -10.87 6.02
C VAL B 43 2.19 -9.67 5.20
N LEU B 44 1.02 -9.12 5.59
CA LEU B 44 0.53 -7.92 4.91
C LEU B 44 0.08 -6.91 5.99
N THR B 45 0.12 -5.66 5.58
CA THR B 45 -0.35 -4.57 6.43
C THR B 45 -1.00 -3.49 5.55
N GLY B 46 -2.02 -2.84 6.06
CA GLY B 46 -2.69 -1.77 5.25
C GLY B 46 -3.61 -0.90 6.10
N ARG B 47 -4.39 -0.07 5.37
CA ARG B 47 -5.36 0.84 6.03
C ARG B 47 -6.64 0.93 5.22
N TYR B 48 -7.72 1.34 5.89
CA TYR B 48 -9.02 1.51 5.16
C TYR B 48 -9.81 2.61 5.87
N ASP B 49 -10.81 3.12 5.16
CA ASP B 49 -11.69 4.20 5.69
C ASP B 49 -12.71 3.56 6.63
N SER B 50 -12.53 3.74 7.95
CA SER B 50 -13.41 3.17 8.94
C SER B 50 -14.74 3.89 9.13
N ALA B 51 -14.97 4.92 8.36
CA ALA B 51 -16.26 5.69 8.45
C ALA B 51 -16.58 6.21 7.05
N PRO B 52 -16.96 5.29 6.18
CA PRO B 52 -17.26 5.59 4.78
C PRO B 52 -18.51 6.47 4.67
N ALA B 53 -18.68 7.01 3.49
CA ALA B 53 -19.83 7.88 3.17
C ALA B 53 -21.09 7.02 3.10
N THR B 54 -22.22 7.65 3.33
CA THR B 54 -23.53 7.03 3.34
C THR B 54 -24.34 7.24 2.06
N ASP B 55 -23.68 7.44 0.96
CA ASP B 55 -24.32 7.65 -0.35
C ASP B 55 -24.24 6.48 -1.29
N GLY B 56 -23.89 5.31 -0.79
CA GLY B 56 -23.78 4.09 -1.60
C GLY B 56 -22.41 3.96 -2.25
N SER B 57 -21.47 4.76 -1.81
CA SER B 57 -20.08 4.73 -2.33
C SER B 57 -19.31 3.53 -1.75
N GLY B 58 -18.23 3.16 -2.43
CA GLY B 58 -17.39 2.01 -1.95
C GLY B 58 -16.53 2.50 -0.78
N THR B 59 -15.78 1.58 -0.18
CA THR B 59 -14.90 1.95 0.97
C THR B 59 -13.43 1.92 0.52
N ALA B 60 -12.75 3.06 0.54
CA ALA B 60 -11.33 3.06 0.07
C ALA B 60 -10.43 2.27 1.02
N LEU B 61 -9.41 1.60 0.44
CA LEU B 61 -8.45 0.79 1.21
C LEU B 61 -7.17 0.53 0.41
N GLY B 62 -6.17 -0.03 1.11
CA GLY B 62 -4.89 -0.37 0.44
C GLY B 62 -4.03 -1.21 1.39
N TRP B 63 -3.15 -1.97 0.75
CA TRP B 63 -2.25 -2.83 1.58
C TRP B 63 -1.00 -3.16 0.77
N THR B 64 0.03 -3.54 1.56
CA THR B 64 1.32 -3.91 1.03
C THR B 64 1.77 -5.30 1.54
N VAL B 65 2.54 -5.93 0.68
CA VAL B 65 3.20 -7.19 0.90
C VAL B 65 4.64 -7.07 0.34
N ALA B 66 5.59 -7.39 1.15
CA ALA B 66 7.04 -7.44 0.74
C ALA B 66 7.27 -8.96 0.55
N TRP B 67 7.71 -9.38 -0.61
CA TRP B 67 7.89 -10.79 -0.93
C TRP B 67 9.05 -11.51 -0.29
N LYS B 68 9.09 -11.52 1.02
CA LYS B 68 10.12 -12.19 1.81
C LYS B 68 9.50 -12.91 3.01
N ASN B 69 9.88 -14.19 3.13
CA ASN B 69 9.40 -15.02 4.26
C ASN B 69 10.57 -15.95 4.66
N ASN B 70 10.25 -16.93 5.48
CA ASN B 70 11.29 -17.87 5.94
C ASN B 70 11.86 -18.74 4.83
N TYR B 71 11.22 -18.84 3.71
CA TYR B 71 11.63 -19.70 2.61
C TYR B 71 12.28 -19.09 1.40
N ARG B 72 11.90 -17.86 1.08
CA ARG B 72 12.45 -17.19 -0.10
C ARG B 72 12.30 -15.66 -0.02
N ASN B 73 13.04 -15.01 -0.89
CA ASN B 73 13.07 -13.52 -0.95
C ASN B 73 13.24 -13.11 -2.41
N ALA B 74 12.20 -12.47 -2.93
CA ALA B 74 12.14 -12.00 -4.30
C ALA B 74 12.66 -10.59 -4.42
N HIS B 75 12.97 -9.97 -3.30
CA HIS B 75 13.53 -8.58 -3.31
C HIS B 75 12.59 -7.67 -4.08
N SER B 76 11.32 -7.70 -3.66
CA SER B 76 10.24 -6.86 -4.28
C SER B 76 9.04 -6.69 -3.36
N ALA B 77 8.13 -5.77 -3.72
CA ALA B 77 6.93 -5.55 -2.86
C ALA B 77 5.78 -5.10 -3.75
N THR B 78 4.58 -5.48 -3.37
CA THR B 78 3.40 -5.04 -4.19
C THR B 78 2.48 -4.24 -3.22
N THR B 79 1.81 -3.27 -3.82
CA THR B 79 0.81 -2.46 -3.07
C THR B 79 -0.49 -2.53 -3.90
N TRP B 80 -1.59 -2.76 -3.24
CA TRP B 80 -2.92 -2.81 -3.92
C TRP B 80 -3.69 -1.57 -3.40
N SER B 81 -4.38 -0.89 -4.31
CA SER B 81 -5.18 0.31 -3.86
C SER B 81 -6.54 0.13 -4.51
N GLY B 82 -7.62 0.30 -3.75
CA GLY B 82 -8.94 0.09 -4.40
C GLY B 82 -10.08 0.36 -3.43
N GLN B 83 -11.19 -0.30 -3.71
CA GLN B 83 -12.39 -0.10 -2.82
C GLN B 83 -13.18 -1.39 -2.69
N TYR B 84 -13.73 -1.58 -1.50
CA TYR B 84 -14.56 -2.68 -1.06
C TYR B 84 -16.03 -2.24 -1.36
N VAL B 85 -16.73 -3.12 -1.97
CA VAL B 85 -18.14 -2.94 -2.37
C VAL B 85 -18.93 -4.12 -1.76
N GLY B 86 -19.72 -3.77 -0.77
CA GLY B 86 -20.53 -4.72 -0.01
C GLY B 86 -21.69 -5.25 -0.84
N GLY B 87 -22.52 -6.04 -0.18
CA GLY B 87 -23.71 -6.63 -0.85
C GLY B 87 -23.70 -8.14 -0.72
N ALA B 88 -24.68 -8.73 -1.39
CA ALA B 88 -24.90 -10.18 -1.46
C ALA B 88 -23.64 -10.86 -1.99
N GLU B 89 -23.08 -10.30 -3.05
CA GLU B 89 -21.85 -10.82 -3.65
C GLU B 89 -20.78 -9.72 -3.61
N ALA B 90 -20.17 -9.56 -2.46
CA ALA B 90 -19.16 -8.56 -2.17
C ALA B 90 -17.88 -8.73 -2.98
N ARG B 91 -17.26 -7.58 -3.20
CA ARG B 91 -15.99 -7.55 -3.97
C ARG B 91 -15.06 -6.43 -3.52
N ILE B 92 -13.78 -6.65 -3.86
CA ILE B 92 -12.72 -5.69 -3.62
C ILE B 92 -12.07 -5.48 -5.02
N ASN B 93 -12.25 -4.31 -5.58
CA ASN B 93 -11.69 -4.01 -6.92
C ASN B 93 -10.39 -3.22 -6.71
N THR B 94 -9.31 -3.71 -7.28
CA THR B 94 -8.04 -3.00 -7.11
C THR B 94 -7.19 -2.87 -8.36
N GLN B 95 -6.21 -1.99 -8.13
CA GLN B 95 -5.11 -1.74 -9.11
C GLN B 95 -3.85 -1.95 -8.25
N TRP B 96 -2.80 -2.50 -8.80
CA TRP B 96 -1.59 -2.78 -8.01
C TRP B 96 -0.34 -2.36 -8.77
N LEU B 97 0.71 -2.14 -7.99
CA LEU B 97 2.04 -1.77 -8.39
C LEU B 97 3.03 -2.75 -7.72
N LEU B 98 3.89 -3.37 -8.52
CA LEU B 98 4.92 -4.29 -7.98
C LEU B 98 6.27 -3.70 -8.33
N THR B 99 7.05 -3.32 -7.33
CA THR B 99 8.38 -2.72 -7.61
C THR B 99 9.48 -3.68 -7.15
N SER B 100 10.48 -3.90 -8.01
CA SER B 100 11.62 -4.78 -7.62
C SER B 100 12.83 -3.91 -7.29
N GLY B 101 13.68 -4.41 -6.40
CA GLY B 101 14.92 -3.63 -6.07
C GLY B 101 15.83 -3.83 -7.29
N THR B 102 16.28 -2.74 -7.87
CA THR B 102 17.17 -2.83 -9.05
C THR B 102 18.36 -1.88 -8.90
N THR B 103 19.28 -2.03 -9.85
CA THR B 103 20.45 -1.11 -9.89
C THR B 103 19.92 0.14 -10.61
N GLU B 104 20.75 1.16 -10.76
CA GLU B 104 20.30 2.38 -11.44
C GLU B 104 20.00 2.15 -12.91
N ALA B 105 20.80 1.37 -13.58
CA ALA B 105 20.69 1.04 -14.98
C ALA B 105 19.36 0.40 -15.37
N ASN B 106 18.71 -0.21 -14.38
CA ASN B 106 17.44 -0.91 -14.60
C ASN B 106 16.26 -0.26 -13.92
N ALA B 107 16.47 0.86 -13.26
CA ALA B 107 15.39 1.55 -12.54
C ALA B 107 14.21 1.91 -13.41
N TRP B 108 14.40 2.11 -14.70
CA TRP B 108 13.32 2.49 -15.62
C TRP B 108 12.28 1.38 -15.78
N LYS B 109 12.70 0.15 -15.56
CA LYS B 109 11.80 -1.02 -15.69
C LYS B 109 11.65 -1.76 -14.37
N SER B 110 11.55 -1.04 -13.28
CA SER B 110 11.42 -1.65 -11.94
C SER B 110 10.00 -1.93 -11.48
N THR B 111 9.03 -1.26 -12.09
CA THR B 111 7.63 -1.34 -11.65
C THR B 111 6.62 -1.85 -12.64
N LEU B 112 5.89 -2.89 -12.29
CA LEU B 112 4.83 -3.49 -13.10
C LEU B 112 3.47 -2.95 -12.55
N VAL B 113 2.50 -2.86 -13.43
CA VAL B 113 1.15 -2.37 -13.02
C VAL B 113 0.12 -3.42 -13.49
N GLY B 114 -0.90 -3.59 -12.66
CA GLY B 114 -1.97 -4.57 -13.02
C GLY B 114 -3.23 -4.25 -12.23
N HIS B 115 -4.16 -5.20 -12.31
CA HIS B 115 -5.45 -5.04 -11.59
C HIS B 115 -5.92 -6.40 -11.13
N ASP B 116 -6.52 -6.46 -9.95
CA ASP B 116 -7.04 -7.67 -9.33
C ASP B 116 -8.47 -7.46 -8.78
N THR B 117 -9.29 -8.48 -8.97
CA THR B 117 -10.67 -8.44 -8.42
C THR B 117 -10.72 -9.62 -7.42
N PHE B 118 -11.07 -9.27 -6.20
CA PHE B 118 -11.17 -10.25 -5.11
C PHE B 118 -12.66 -10.53 -4.79
N THR B 119 -12.92 -11.81 -4.54
CA THR B 119 -14.28 -12.27 -4.15
C THR B 119 -14.12 -13.34 -3.06
N LYS B 120 -15.23 -13.64 -2.42
CA LYS B 120 -15.22 -14.65 -1.35
C LYS B 120 -15.30 -16.08 -1.82
N VAL B 121 -15.37 -16.32 -3.11
CA VAL B 121 -15.52 -17.67 -3.67
C VAL B 121 -14.13 -18.21 -4.10
C1 HAB C . -0.99 12.70 -1.68
C2 HAB C . 0.36 12.84 -1.69
C3 HAB C . 1.12 12.13 -2.64
C4 HAB C . 0.47 11.28 -3.54
C5 HAB C . -0.92 11.11 -3.50
C6 HAB C . -1.68 11.83 -2.56
C1' HAB C . -4.23 13.54 -0.21
C2' HAB C . -3.94 14.30 0.93
C3' HAB C . -4.99 14.72 1.71
C4' HAB C . -6.31 14.39 1.38
C5' HAB C . -6.59 13.61 0.25
C6' HAB C . -5.53 13.17 -0.56
C HAB C . 1.07 13.76 -0.69
N1 HAB C . -1.88 13.40 -0.70
N1' HAB C . -3.10 13.07 -1.03
O HAB C . 2.29 13.62 -0.59
OXT HAB C . 0.42 14.71 0.13
O4' HAB C . -7.35 14.79 2.22
C1 HAB D . 0.85 -10.78 -7.57
C2 HAB D . -0.46 -11.04 -7.26
C3 HAB D . -1.46 -10.10 -7.55
C4 HAB D . -1.10 -8.85 -8.08
C5 HAB D . 0.25 -8.55 -8.32
C6 HAB D . 1.23 -9.50 -8.06
C1' HAB D . 4.26 -12.11 -7.03
C2' HAB D . 3.96 -13.26 -6.30
C3' HAB D . 5.00 -14.00 -5.74
C4' HAB D . 6.32 -13.54 -5.82
C5' HAB D . 6.60 -12.34 -6.49
C6' HAB D . 5.56 -11.62 -7.09
C HAB D . -0.86 -12.38 -6.65
N1 HAB D . 1.95 -11.70 -7.19
N1' HAB D . 3.12 -11.31 -7.55
O HAB D . -2.07 -12.53 -6.40
OXT HAB D . 0.06 -13.39 -6.27
O4' HAB D . 7.34 -14.28 -5.19
#